data_4UTM
#
_entry.id   4UTM
#
_cell.length_a   57.472
_cell.length_b   83.396
_cell.length_c   156.548
_cell.angle_alpha   90.00
_cell.angle_beta   90.00
_cell.angle_gamma   90.00
#
_symmetry.space_group_name_H-M   'I 2 2 2'
#
loop_
_entity.id
_entity.type
_entity.pdbx_description
1 polymer 'XENOBIOTIC REDUCTASE'
2 non-polymer 1-DEOXY-1-(7,8-DIMETHYL-2,4-DIOXO-3,4-DIHYDRO-2H-BENZO[G]PTERIDIN-1-ID-10(5H)-YL)-5-O-PHOSPHONATO-D-RIBITOL
3 non-polymer 8-HYDROXYCOUMARIN
4 non-polymer 'SULFATE ION'
5 water water
#
_entity_poly.entity_id   1
_entity_poly.type   'polypeptide(L)'
_entity_poly.pdbx_seq_one_letter_code
;GHMSALFEPYTLKDVTLRNRIAIPPMCQYMAEDGMINDWHHVHLAGLARGGAGLLVVEATAVAPEGRITPGCAGIWSDAH
AQAFVPVVQAIKAAGSVPGIQIAHAGRKASANRPWEGDDHIAADDTRGWETIAPSAIAFGAHLPKVPREMTLDDIARVKQ
DFVDAARRARDAGFEWIELHFAHGFLGQSFFSEHSNKRTDAYGGSFDNRSRFLLETLAAVREVWPENLPLTARFGVLEYD
GRDEQTLEESIELARRFKAGGLDLLSVSVGFTIPDTNIPWGPAFMGPIAERVRREAKLPVTSAWGFGTPQLAEAALQANQ
LDLVSVGRAHLADPHWAYFAAKELGVEKASWTLPAPYAHWLERYR
;
_entity_poly.pdbx_strand_id   A
#
loop_
_chem_comp.id
_chem_comp.type
_chem_comp.name
_chem_comp.formula
8CM non-polymer 8-HYDROXYCOUMARIN 'C9 H6 O3'
FNR non-polymer 1-DEOXY-1-(7,8-DIMETHYL-2,4-DIOXO-3,4-DIHYDRO-2H-BENZO[G]PTERIDIN-1-ID-10(5H)-YL)-5-O-PHOSPHONATO-D-RIBITOL 'C17 H23 N4 O9 P'
SO4 non-polymer 'SULFATE ION' 'O4 S -2'
#
# COMPACT_ATOMS: atom_id res chain seq x y z
N SER A 4 -13.96 14.15 -18.24
CA SER A 4 -13.30 12.85 -18.06
CA SER A 4 -13.24 12.89 -18.06
C SER A 4 -13.43 12.40 -16.62
N ALA A 5 -13.75 11.13 -16.46
CA ALA A 5 -13.87 10.52 -15.13
C ALA A 5 -12.55 10.63 -14.36
N LEU A 6 -11.43 10.50 -15.05
CA LEU A 6 -10.12 10.52 -14.40
C LEU A 6 -9.85 11.83 -13.68
N PHE A 7 -10.43 12.91 -14.18
CA PHE A 7 -10.20 14.24 -13.63
C PHE A 7 -11.34 14.79 -12.79
N GLU A 8 -12.26 13.91 -12.38
N GLU A 8 -12.27 13.93 -12.40
CA GLU A 8 -13.28 14.29 -11.42
CA GLU A 8 -13.29 14.30 -11.44
C GLU A 8 -12.76 14.18 -9.99
C GLU A 8 -12.71 14.23 -10.03
N PRO A 9 -13.04 15.19 -9.15
CA PRO A 9 -12.62 15.10 -7.76
CA PRO A 9 -12.59 15.08 -7.76
C PRO A 9 -13.25 13.92 -7.02
N TYR A 10 -12.67 13.57 -5.89
CA TYR A 10 -13.16 12.49 -5.05
C TYR A 10 -13.09 12.91 -3.60
N THR A 11 -14.20 12.80 -2.88
CA THR A 11 -14.21 13.09 -1.45
C THR A 11 -14.40 11.81 -0.64
N LEU A 12 -13.57 11.65 0.38
CA LEU A 12 -13.65 10.55 1.30
C LEU A 12 -13.39 11.13 2.67
N LYS A 13 -14.33 10.92 3.59
CA LYS A 13 -14.31 11.59 4.89
CA LYS A 13 -14.32 11.61 4.89
C LYS A 13 -14.14 13.10 4.62
N ASP A 14 -13.21 13.77 5.31
CA ASP A 14 -13.04 15.23 5.13
C ASP A 14 -12.02 15.60 4.05
N VAL A 15 -11.52 14.62 3.31
CA VAL A 15 -10.47 14.84 2.35
C VAL A 15 -11.03 14.84 0.95
N THR A 16 -10.66 15.85 0.17
CA THR A 16 -11.03 15.91 -1.24
C THR A 16 -9.77 15.85 -2.12
N LEU A 17 -9.75 14.86 -3.00
CA LEU A 17 -8.70 14.71 -3.99
CA LEU A 17 -8.69 14.70 -3.99
C LEU A 17 -9.10 15.46 -5.25
N ARG A 18 -8.17 16.14 -5.88
CA ARG A 18 -8.51 16.95 -7.05
C ARG A 18 -8.81 16.14 -8.33
N ASN A 19 -8.43 14.86 -8.35
CA ASN A 19 -8.73 13.98 -9.46
C ASN A 19 -8.66 12.54 -8.93
N ARG A 20 -8.82 11.57 -9.82
CA ARG A 20 -8.85 10.17 -9.44
C ARG A 20 -7.53 9.46 -9.65
N ILE A 21 -6.46 10.23 -9.88
CA ILE A 21 -5.13 9.64 -10.04
C ILE A 21 -4.44 9.55 -8.68
N ALA A 22 -4.14 8.32 -8.30
CA ALA A 22 -3.37 8.05 -7.08
C ALA A 22 -1.99 7.53 -7.47
N ILE A 23 -0.98 8.00 -6.76
CA ILE A 23 0.34 7.44 -6.89
C ILE A 23 0.49 6.44 -5.72
N PRO A 24 0.59 5.15 -6.03
CA PRO A 24 0.63 4.14 -4.98
C PRO A 24 2.00 4.16 -4.32
N PRO A 25 2.09 3.53 -3.14
CA PRO A 25 3.39 3.43 -2.46
C PRO A 25 4.42 2.74 -3.33
N MET A 26 5.60 3.34 -3.44
CA MET A 26 6.71 2.79 -4.22
C MET A 26 8.01 2.98 -3.47
N CYS A 27 8.47 1.94 -2.83
CA CYS A 27 9.78 1.88 -2.18
C CYS A 27 10.88 2.45 -3.05
N GLN A 28 11.72 3.27 -2.42
CA GLN A 28 12.85 3.91 -3.07
C GLN A 28 14.20 3.33 -2.66
N TYR A 29 14.24 2.64 -1.51
CA TYR A 29 15.44 1.98 -1.05
C TYR A 29 16.61 2.95 -0.81
N MET A 30 16.27 4.18 -0.42
CA MET A 30 17.26 5.28 -0.29
C MET A 30 17.39 5.83 1.13
N ALA A 31 16.67 5.26 2.10
CA ALA A 31 16.76 5.70 3.48
C ALA A 31 17.95 5.07 4.17
N GLU A 32 18.36 5.67 5.29
CA GLU A 32 19.49 5.19 6.09
C GLU A 32 19.02 5.00 7.52
N ASP A 33 19.08 3.77 8.01
CA ASP A 33 18.57 3.46 9.34
CA ASP A 33 18.54 3.42 9.34
C ASP A 33 17.12 3.97 9.49
N GLY A 34 16.35 3.82 8.42
CA GLY A 34 14.97 4.25 8.38
C GLY A 34 14.72 5.72 8.10
N MET A 35 15.75 6.55 8.19
CA MET A 35 15.56 7.99 8.05
CA MET A 35 15.61 7.99 8.06
C MET A 35 15.54 8.38 6.59
N ILE A 36 14.46 9.05 6.19
CA ILE A 36 14.38 9.57 4.84
C ILE A 36 15.29 10.81 4.70
N ASN A 37 15.48 11.26 3.47
CA ASN A 37 16.43 12.32 3.19
C ASN A 37 16.01 13.09 1.94
N ASP A 38 16.92 13.86 1.35
CA ASP A 38 16.56 14.70 0.22
C ASP A 38 16.23 13.87 -1.02
N TRP A 39 16.63 12.60 -1.08
CA TRP A 39 16.11 11.75 -2.17
C TRP A 39 14.60 11.81 -2.14
N HIS A 40 14.04 11.44 -0.99
CA HIS A 40 12.60 11.34 -0.82
C HIS A 40 11.91 12.68 -0.93
N HIS A 41 12.52 13.72 -0.37
CA HIS A 41 11.90 15.03 -0.41
C HIS A 41 11.63 15.46 -1.86
N VAL A 42 12.68 15.43 -2.67
CA VAL A 42 12.56 15.89 -4.05
C VAL A 42 11.66 14.94 -4.87
N HIS A 43 11.84 13.65 -4.67
CA HIS A 43 11.01 12.65 -5.38
C HIS A 43 9.54 12.90 -5.13
N LEU A 44 9.16 13.04 -3.88
CA LEU A 44 7.75 13.16 -3.49
C LEU A 44 7.18 14.53 -3.84
N ALA A 45 7.93 15.60 -3.56
CA ALA A 45 7.44 16.91 -3.89
C ALA A 45 7.28 17.05 -5.41
N GLY A 46 8.20 16.48 -6.17
CA GLY A 46 8.12 16.53 -7.62
C GLY A 46 6.88 15.80 -8.15
N LEU A 47 6.60 14.63 -7.58
CA LEU A 47 5.40 13.88 -7.95
C LEU A 47 4.14 14.66 -7.61
N ALA A 48 4.10 15.28 -6.43
CA ALA A 48 2.92 16.05 -6.03
C ALA A 48 2.63 17.17 -7.02
N ARG A 49 3.70 17.85 -7.48
CA ARG A 49 3.55 18.93 -8.44
C ARG A 49 3.10 18.46 -9.83
N GLY A 50 3.29 17.17 -10.12
CA GLY A 50 2.91 16.60 -11.39
C GLY A 50 1.42 16.49 -11.61
N GLY A 51 0.62 16.62 -10.56
CA GLY A 51 -0.81 16.75 -10.70
C GLY A 51 -1.66 15.68 -10.06
N ALA A 52 -1.09 14.57 -9.63
CA ALA A 52 -1.92 13.51 -9.04
C ALA A 52 -2.66 14.02 -7.83
N GLY A 53 -3.87 13.52 -7.62
CA GLY A 53 -4.68 13.92 -6.49
C GLY A 53 -4.23 13.38 -5.15
N LEU A 54 -3.60 12.21 -5.15
CA LEU A 54 -3.19 11.52 -3.93
C LEU A 54 -1.80 10.95 -4.16
N LEU A 55 -0.92 11.16 -3.20
CA LEU A 55 0.42 10.61 -3.26
C LEU A 55 0.63 9.82 -1.97
N VAL A 56 0.76 8.50 -2.10
CA VAL A 56 0.97 7.63 -0.95
C VAL A 56 2.47 7.29 -0.86
N VAL A 57 3.10 7.73 0.24
CA VAL A 57 4.49 7.42 0.53
C VAL A 57 4.66 5.89 0.66
N GLU A 58 5.80 5.43 0.15
CA GLU A 58 6.27 4.06 0.18
C GLU A 58 6.09 3.35 1.52
N ALA A 59 6.07 2.02 1.45
CA ALA A 59 6.04 1.18 2.64
C ALA A 59 7.07 1.67 3.65
N THR A 60 6.56 2.10 4.81
CA THR A 60 7.36 2.72 5.87
C THR A 60 7.24 1.81 7.10
N ALA A 61 8.37 1.28 7.53
CA ALA A 61 8.39 0.23 8.54
C ALA A 61 7.99 0.75 9.91
N VAL A 62 7.16 -0.03 10.59
CA VAL A 62 6.73 0.31 11.95
C VAL A 62 7.77 -0.09 12.99
N ALA A 63 8.78 -0.85 12.59
CA ALA A 63 9.79 -1.37 13.50
C ALA A 63 11.01 -1.70 12.63
N PRO A 64 12.22 -1.66 13.20
CA PRO A 64 13.40 -1.85 12.34
C PRO A 64 13.41 -3.19 11.59
N GLU A 65 12.97 -4.25 12.24
CA GLU A 65 12.99 -5.57 11.62
C GLU A 65 11.88 -5.75 10.60
N GLY A 66 10.96 -4.78 10.52
CA GLY A 66 9.87 -4.78 9.56
C GLY A 66 10.20 -4.05 8.26
N ARG A 67 11.40 -3.49 8.14
CA ARG A 67 11.87 -3.03 6.83
C ARG A 67 12.00 -4.21 5.88
N ILE A 68 11.79 -3.97 4.58
CA ILE A 68 12.15 -4.99 3.60
C ILE A 68 13.69 -5.10 3.51
N THR A 69 14.35 -3.96 3.43
CA THR A 69 15.77 -3.86 3.10
C THR A 69 16.45 -2.82 4.01
N PRO A 70 17.78 -2.75 3.95
CA PRO A 70 18.49 -1.69 4.68
C PRO A 70 18.23 -0.29 4.14
N GLY A 71 17.61 -0.16 2.97
CA GLY A 71 17.27 1.14 2.41
C GLY A 71 15.84 1.61 2.68
N CYS A 72 15.05 0.82 3.41
CA CYS A 72 13.66 1.15 3.61
C CYS A 72 13.45 2.28 4.62
N ALA A 73 12.44 3.09 4.36
CA ALA A 73 11.99 4.09 5.28
C ALA A 73 11.38 3.47 6.54
N GLY A 74 11.46 4.21 7.63
CA GLY A 74 10.87 3.82 8.89
C GLY A 74 10.19 4.98 9.58
N ILE A 75 9.30 4.61 10.50
CA ILE A 75 8.59 5.57 11.33
C ILE A 75 8.46 5.05 12.77
N TRP A 76 9.49 4.35 13.21
CA TRP A 76 9.48 3.68 14.51
C TRP A 76 9.98 4.51 15.67
N SER A 77 10.25 5.79 15.44
CA SER A 77 10.58 6.73 16.49
C SER A 77 10.08 8.10 16.08
N ASP A 78 10.02 9.00 17.06
CA ASP A 78 9.56 10.33 16.78
C ASP A 78 10.56 11.06 15.85
N ALA A 79 11.86 10.79 15.96
CA ALA A 79 12.82 11.40 15.05
C ALA A 79 12.57 10.97 13.60
N HIS A 80 12.21 9.71 13.40
CA HIS A 80 11.87 9.25 12.06
C HIS A 80 10.66 9.97 11.52
N ALA A 81 9.65 10.16 12.36
CA ALA A 81 8.45 10.87 11.96
C ALA A 81 8.72 12.32 11.61
N GLN A 82 9.56 12.99 12.41
N GLN A 82 9.57 12.98 12.38
CA GLN A 82 9.95 14.39 12.17
CA GLN A 82 9.80 14.39 12.13
C GLN A 82 10.44 14.56 10.74
C GLN A 82 10.52 14.62 10.79
N ALA A 83 11.25 13.61 10.28
CA ALA A 83 11.86 13.71 8.96
C ALA A 83 10.82 13.84 7.86
N PHE A 84 9.61 13.31 8.08
CA PHE A 84 8.54 13.44 7.10
C PHE A 84 7.88 14.79 7.06
N VAL A 85 7.99 15.58 8.14
CA VAL A 85 7.21 16.81 8.21
C VAL A 85 7.44 17.76 7.01
N PRO A 86 8.70 18.06 6.64
CA PRO A 86 8.86 18.98 5.49
C PRO A 86 8.34 18.41 4.18
N VAL A 87 8.39 17.10 4.03
CA VAL A 87 7.89 16.46 2.82
C VAL A 87 6.37 16.55 2.75
N VAL A 88 5.71 16.25 3.85
CA VAL A 88 4.27 16.42 3.93
C VAL A 88 3.87 17.84 3.56
N GLN A 89 4.59 18.81 4.13
CA GLN A 89 4.28 20.19 3.86
C GLN A 89 4.48 20.53 2.38
N ALA A 90 5.51 19.97 1.73
CA ALA A 90 5.73 20.20 0.31
C ALA A 90 4.64 19.56 -0.56
N ILE A 91 4.16 18.37 -0.18
CA ILE A 91 3.12 17.70 -0.93
C ILE A 91 1.84 18.54 -0.86
N LYS A 92 1.49 19.03 0.34
CA LYS A 92 0.33 19.88 0.52
C LYS A 92 0.46 21.20 -0.25
N ALA A 93 1.65 21.78 -0.25
CA ALA A 93 1.86 23.05 -0.97
C ALA A 93 1.54 22.88 -2.45
N ALA A 94 1.78 21.69 -2.99
CA ALA A 94 1.55 21.39 -4.39
C ALA A 94 0.08 21.01 -4.67
N GLY A 95 -0.77 20.92 -3.66
CA GLY A 95 -2.18 20.62 -3.87
C GLY A 95 -2.53 19.15 -3.95
N SER A 96 -1.58 18.27 -3.68
CA SER A 96 -1.86 16.83 -3.59
C SER A 96 -2.15 16.47 -2.14
N VAL A 97 -2.79 15.35 -1.94
CA VAL A 97 -3.06 14.85 -0.60
C VAL A 97 -1.94 13.89 -0.20
N PRO A 98 -1.29 14.15 0.96
CA PRO A 98 -0.22 13.26 1.41
C PRO A 98 -0.75 12.06 2.18
N GLY A 99 -0.41 10.87 1.70
CA GLY A 99 -0.68 9.65 2.41
C GLY A 99 0.58 8.88 2.72
N ILE A 100 0.46 7.84 3.54
CA ILE A 100 1.60 7.00 3.86
C ILE A 100 1.11 5.57 4.07
N GLN A 101 1.89 4.63 3.57
CA GLN A 101 1.67 3.21 3.82
C GLN A 101 2.57 2.77 4.95
N ILE A 102 1.99 2.27 6.04
CA ILE A 102 2.77 1.77 7.17
C ILE A 102 2.78 0.24 7.12
N ALA A 103 3.92 -0.34 7.44
CA ALA A 103 4.21 -1.68 6.96
C ALA A 103 5.09 -2.47 7.93
N HIS A 104 5.07 -3.79 7.74
CA HIS A 104 6.00 -4.71 8.40
C HIS A 104 6.22 -5.89 7.48
N ALA A 105 7.45 -6.09 7.03
CA ALA A 105 7.77 -7.03 5.96
C ALA A 105 7.74 -8.49 6.40
N GLY A 106 7.67 -8.79 7.70
CA GLY A 106 7.53 -10.18 8.08
C GLY A 106 8.66 -11.05 7.56
N ARG A 107 8.32 -12.20 6.98
CA ARG A 107 9.33 -13.14 6.57
C ARG A 107 10.10 -12.68 5.33
N LYS A 108 9.60 -11.67 4.63
CA LYS A 108 10.29 -11.13 3.46
C LYS A 108 11.24 -9.99 3.80
N ALA A 109 11.45 -9.73 5.09
CA ALA A 109 12.37 -8.71 5.55
C ALA A 109 13.82 -9.18 5.43
N SER A 110 14.73 -8.25 5.75
CA SER A 110 16.17 -8.52 5.73
C SER A 110 16.65 -8.97 4.35
N ALA A 111 16.19 -8.26 3.33
CA ALA A 111 16.53 -8.55 1.93
C ALA A 111 17.41 -7.44 1.34
N ASN A 112 18.16 -7.79 0.30
CA ASN A 112 18.90 -6.82 -0.47
C ASN A 112 17.98 -5.93 -1.29
N ARG A 113 18.48 -4.74 -1.59
CA ARG A 113 17.80 -3.89 -2.55
C ARG A 113 17.62 -4.63 -3.88
N PRO A 114 16.58 -4.28 -4.65
CA PRO A 114 16.28 -5.06 -5.85
C PRO A 114 17.39 -5.06 -6.91
N TRP A 115 18.18 -4.00 -6.97
CA TRP A 115 19.30 -3.90 -7.91
C TRP A 115 20.61 -4.35 -7.26
N GLU A 116 20.53 -4.91 -6.05
CA GLU A 116 21.69 -5.44 -5.33
C GLU A 116 21.47 -6.91 -4.91
N GLY A 117 20.71 -7.62 -5.74
CA GLY A 117 20.49 -9.04 -5.57
C GLY A 117 19.05 -9.45 -5.32
N ASP A 118 18.29 -8.58 -4.66
CA ASP A 118 16.86 -8.78 -4.43
C ASP A 118 16.56 -9.98 -3.54
N ASP A 119 17.57 -10.52 -2.87
CA ASP A 119 17.47 -11.79 -2.17
C ASP A 119 17.74 -11.59 -0.66
N HIS A 120 17.47 -12.63 0.14
CA HIS A 120 17.75 -12.50 1.57
C HIS A 120 19.24 -12.21 1.79
N ILE A 121 19.53 -11.29 2.71
CA ILE A 121 20.88 -10.94 3.05
C ILE A 121 21.60 -12.11 3.70
N ALA A 122 22.86 -12.29 3.32
CA ALA A 122 23.68 -13.35 3.86
C ALA A 122 23.84 -13.24 5.38
N ALA A 123 24.00 -14.40 6.00
CA ALA A 123 24.05 -14.54 7.45
C ALA A 123 25.16 -13.72 8.12
N ASP A 124 26.28 -13.55 7.42
CA ASP A 124 27.42 -12.83 7.98
C ASP A 124 27.52 -11.36 7.53
N ASP A 125 26.50 -10.88 6.84
CA ASP A 125 26.45 -9.49 6.42
C ASP A 125 25.97 -8.63 7.61
N THR A 126 26.74 -7.62 7.99
CA THR A 126 26.42 -6.83 9.18
C THR A 126 25.14 -6.03 9.04
N ARG A 127 24.55 -6.02 7.86
CA ARG A 127 23.33 -5.26 7.65
C ARG A 127 22.08 -6.06 8.01
N GLY A 128 22.19 -7.40 8.09
CA GLY A 128 20.99 -8.25 8.17
C GLY A 128 20.44 -8.45 9.56
N TRP A 129 19.28 -9.08 9.63
CA TRP A 129 18.59 -9.28 10.90
C TRP A 129 17.64 -10.45 10.82
N GLU A 130 17.27 -10.92 12.00
CA GLU A 130 16.28 -11.99 12.12
C GLU A 130 14.90 -11.49 11.77
N THR A 131 14.21 -12.28 10.96
CA THR A 131 12.85 -11.98 10.54
C THR A 131 11.85 -12.66 11.48
N ILE A 132 10.64 -12.12 11.52
CA ILE A 132 9.56 -12.67 12.34
C ILE A 132 8.33 -12.90 11.46
N ALA A 133 7.50 -13.84 11.88
CA ALA A 133 6.34 -14.25 11.08
C ALA A 133 5.39 -15.06 11.95
N PRO A 134 4.18 -15.35 11.43
CA PRO A 134 3.23 -16.19 12.19
CA PRO A 134 3.28 -16.16 12.26
C PRO A 134 3.80 -17.56 12.54
N SER A 135 4.53 -18.14 11.59
CA SER A 135 5.06 -19.49 11.70
C SER A 135 6.47 -19.55 11.11
N ALA A 136 7.26 -20.49 11.62
CA ALA A 136 8.65 -20.65 11.19
C ALA A 136 8.73 -21.45 9.89
N ILE A 137 8.35 -20.77 8.82
CA ILE A 137 8.31 -21.34 7.46
CA ILE A 137 8.39 -21.35 7.48
C ILE A 137 8.88 -20.30 6.50
N ALA A 138 9.87 -20.67 5.68
CA ALA A 138 10.43 -19.76 4.70
C ALA A 138 9.54 -19.59 3.48
N PHE A 139 9.59 -18.41 2.88
CA PHE A 139 9.00 -18.16 1.57
C PHE A 139 9.59 -19.12 0.52
N GLY A 140 10.91 -19.26 0.53
CA GLY A 140 11.60 -20.11 -0.43
C GLY A 140 12.22 -19.28 -1.53
N ALA A 141 12.60 -19.95 -2.62
CA ALA A 141 13.23 -19.29 -3.75
C ALA A 141 14.35 -18.35 -3.28
N HIS A 142 14.28 -17.08 -3.66
CA HIS A 142 15.31 -16.10 -3.33
C HIS A 142 15.21 -15.54 -1.90
N LEU A 143 14.21 -16.00 -1.15
CA LEU A 143 13.99 -15.61 0.23
C LEU A 143 13.95 -16.86 1.11
N PRO A 144 15.09 -17.54 1.23
CA PRO A 144 15.13 -18.82 1.95
C PRO A 144 15.20 -18.74 3.47
N LYS A 145 15.35 -17.55 4.06
N LYS A 145 15.38 -17.57 4.05
CA LYS A 145 15.51 -17.47 5.51
CA LYS A 145 15.55 -17.50 5.50
C LYS A 145 14.25 -17.93 6.21
C LYS A 145 14.29 -17.90 6.23
N VAL A 146 14.43 -18.78 7.23
CA VAL A 146 13.32 -19.21 8.04
C VAL A 146 13.09 -18.15 9.12
N PRO A 147 11.88 -17.57 9.18
CA PRO A 147 11.59 -16.56 10.21
C PRO A 147 11.38 -17.20 11.58
N ARG A 148 11.52 -16.39 12.61
CA ARG A 148 11.16 -16.79 13.96
C ARG A 148 9.64 -16.70 14.15
N GLU A 149 9.05 -17.75 14.72
CA GLU A 149 7.64 -17.76 15.09
CA GLU A 149 7.64 -17.74 15.07
C GLU A 149 7.33 -16.75 16.18
N MET A 150 6.40 -15.84 15.93
CA MET A 150 6.05 -14.81 16.90
C MET A 150 5.43 -15.36 18.17
N THR A 151 5.81 -14.81 19.31
CA THR A 151 5.08 -15.04 20.56
C THR A 151 3.84 -14.13 20.63
N LEU A 152 2.94 -14.41 21.59
CA LEU A 152 1.83 -13.50 21.81
C LEU A 152 2.31 -12.11 22.18
N ASP A 153 3.37 -11.99 22.96
CA ASP A 153 3.93 -10.69 23.29
CA ASP A 153 3.90 -10.69 23.29
C ASP A 153 4.45 -10.00 22.03
N ASP A 154 5.05 -10.75 21.10
CA ASP A 154 5.50 -10.16 19.82
C ASP A 154 4.29 -9.61 19.05
N ILE A 155 3.18 -10.35 19.03
CA ILE A 155 1.98 -9.87 18.37
C ILE A 155 1.48 -8.58 19.01
N ALA A 156 1.43 -8.54 20.34
CA ALA A 156 1.04 -7.33 21.05
C ALA A 156 1.97 -6.17 20.71
N ARG A 157 3.26 -6.44 20.67
CA ARG A 157 4.26 -5.40 20.40
CA ARG A 157 4.26 -5.39 20.39
C ARG A 157 4.12 -4.85 18.97
N VAL A 158 3.95 -5.73 17.99
CA VAL A 158 3.83 -5.27 16.63
C VAL A 158 2.53 -4.48 16.44
N LYS A 159 1.43 -4.93 17.04
CA LYS A 159 0.22 -4.13 16.98
C LYS A 159 0.46 -2.72 17.52
N GLN A 160 1.11 -2.65 18.69
CA GLN A 160 1.42 -1.35 19.26
C GLN A 160 2.35 -0.52 18.37
N ASP A 161 3.28 -1.18 17.68
CA ASP A 161 4.12 -0.46 16.73
C ASP A 161 3.30 0.14 15.58
N PHE A 162 2.27 -0.57 15.10
CA PHE A 162 1.36 0.00 14.10
C PHE A 162 0.61 1.19 14.67
N VAL A 163 0.15 1.08 15.91
CA VAL A 163 -0.54 2.19 16.55
C VAL A 163 0.40 3.41 16.63
N ASP A 164 1.61 3.20 17.13
CA ASP A 164 2.55 4.29 17.28
C ASP A 164 2.88 4.92 15.91
N ALA A 165 3.03 4.08 14.89
CA ALA A 165 3.31 4.57 13.54
C ALA A 165 2.15 5.44 13.04
N ALA A 166 0.92 5.01 13.27
CA ALA A 166 -0.24 5.78 12.84
C ALA A 166 -0.34 7.10 13.58
N ARG A 167 -0.06 7.09 14.90
CA ARG A 167 -0.06 8.31 15.68
CA ARG A 167 -0.05 8.29 15.69
C ARG A 167 0.98 9.29 15.14
N ARG A 168 2.18 8.76 14.86
CA ARG A 168 3.25 9.58 14.30
C ARG A 168 2.89 10.12 12.91
N ALA A 169 2.27 9.29 12.07
CA ALA A 169 1.85 9.75 10.75
C ALA A 169 0.84 10.89 10.90
N ARG A 170 -0.12 10.72 11.81
CA ARG A 170 -1.10 11.75 12.07
C ARG A 170 -0.41 13.07 12.46
N ASP A 171 0.50 12.99 13.42
CA ASP A 171 1.13 14.18 13.95
C ASP A 171 2.12 14.81 12.98
N ALA A 172 2.59 14.04 11.98
CA ALA A 172 3.44 14.58 10.94
C ALA A 172 2.63 15.30 9.85
N GLY A 173 1.31 15.16 9.90
CA GLY A 173 0.42 15.85 8.99
C GLY A 173 -0.15 15.04 7.82
N PHE A 174 0.09 13.73 7.80
CA PHE A 174 -0.51 12.93 6.76
C PHE A 174 -2.02 12.97 6.86
N GLU A 175 -2.68 12.93 5.72
CA GLU A 175 -4.13 13.03 5.61
C GLU A 175 -4.81 11.73 5.17
N TRP A 176 -4.04 10.66 5.06
CA TRP A 176 -4.49 9.42 4.46
C TRP A 176 -3.49 8.36 4.93
N ILE A 177 -3.97 7.23 5.44
CA ILE A 177 -3.08 6.18 5.89
C ILE A 177 -3.49 4.88 5.22
N GLU A 178 -2.51 4.05 4.93
CA GLU A 178 -2.74 2.73 4.34
C GLU A 178 -1.99 1.69 5.14
N LEU A 179 -2.71 0.73 5.69
CA LEU A 179 -2.08 -0.41 6.38
C LEU A 179 -1.66 -1.44 5.33
N HIS A 180 -0.39 -1.84 5.36
CA HIS A 180 0.13 -2.76 4.36
C HIS A 180 -0.10 -4.21 4.75
N PHE A 181 -1.27 -4.71 4.35
CA PHE A 181 -1.66 -6.09 4.61
C PHE A 181 -1.59 -6.92 3.34
N ALA A 182 -0.69 -6.54 2.42
CA ALA A 182 -0.57 -7.25 1.15
C ALA A 182 0.85 -7.77 0.91
N HIS A 183 1.02 -8.45 -0.24
CA HIS A 183 2.34 -8.68 -0.83
C HIS A 183 3.21 -9.62 -0.03
N GLY A 184 2.61 -10.46 0.79
CA GLY A 184 3.30 -11.54 1.44
C GLY A 184 4.03 -11.12 2.70
N PHE A 185 3.83 -9.87 3.08
CA PHE A 185 4.43 -9.29 4.26
C PHE A 185 3.65 -9.73 5.50
N LEU A 186 3.91 -9.14 6.66
CA LEU A 186 3.43 -9.73 7.92
C LEU A 186 1.92 -9.96 7.92
N GLY A 187 1.15 -8.91 7.66
CA GLY A 187 -0.30 -9.06 7.70
C GLY A 187 -0.82 -10.11 6.73
N GLN A 188 -0.40 -10.04 5.46
CA GLN A 188 -0.84 -11.02 4.50
C GLN A 188 -0.51 -12.43 4.99
N SER A 189 0.66 -12.59 5.59
CA SER A 189 1.11 -13.91 6.01
C SER A 189 0.32 -14.47 7.20
N PHE A 190 -0.26 -13.60 8.03
CA PHE A 190 -1.20 -14.09 9.05
C PHE A 190 -2.49 -14.59 8.40
N PHE A 191 -2.96 -13.94 7.33
CA PHE A 191 -4.21 -14.35 6.72
C PHE A 191 -4.08 -15.67 5.97
N SER A 192 -2.96 -15.88 5.30
CA SER A 192 -2.82 -17.04 4.41
C SER A 192 -2.51 -18.33 5.13
N GLU A 193 -3.24 -19.39 4.78
CA GLU A 193 -2.95 -20.74 5.27
C GLU A 193 -1.59 -21.25 4.81
N HIS A 194 -1.03 -20.70 3.72
CA HIS A 194 0.29 -21.14 3.28
C HIS A 194 1.36 -20.85 4.33
N SER A 195 1.21 -19.71 4.99
CA SER A 195 2.25 -19.19 5.87
C SER A 195 1.89 -19.24 7.35
N ASN A 196 0.60 -19.35 7.65
CA ASN A 196 0.13 -19.36 9.03
C ASN A 196 -0.33 -20.75 9.40
N LYS A 197 0.49 -21.42 10.21
CA LYS A 197 0.20 -22.75 10.71
C LYS A 197 -0.02 -22.74 12.23
N ARG A 198 -0.31 -21.57 12.79
CA ARG A 198 -0.50 -21.43 14.23
C ARG A 198 -1.75 -22.15 14.70
N THR A 199 -1.74 -22.58 15.96
CA THR A 199 -2.88 -23.28 16.55
C THR A 199 -3.38 -22.53 17.79
N ASP A 200 -2.94 -21.30 17.98
CA ASP A 200 -3.46 -20.44 19.02
C ASP A 200 -4.57 -19.56 18.46
N ALA A 201 -4.90 -18.47 19.14
CA ALA A 201 -5.99 -17.60 18.70
C ALA A 201 -5.71 -16.91 17.37
N TYR A 202 -4.46 -16.97 16.89
CA TYR A 202 -4.07 -16.25 15.67
C TYR A 202 -3.86 -17.16 14.47
N GLY A 203 -4.24 -18.43 14.56
CA GLY A 203 -4.28 -19.25 13.38
C GLY A 203 -5.30 -20.37 13.44
N GLY A 204 -5.56 -21.07 12.33
N GLY A 204 -5.39 -21.06 12.30
CA GLY A 204 -6.37 -22.28 12.37
CA GLY A 204 -6.36 -22.12 12.04
C GLY A 204 -7.88 -22.27 12.07
C GLY A 204 -7.53 -21.59 11.25
N SER A 205 -8.49 -21.09 11.98
CA SER A 205 -9.79 -20.83 11.39
C SER A 205 -9.72 -19.49 10.67
N PHE A 206 -10.73 -19.21 9.86
CA PHE A 206 -10.86 -17.89 9.25
C PHE A 206 -10.82 -16.76 10.28
N ASP A 207 -11.59 -16.90 11.36
CA ASP A 207 -11.61 -15.84 12.38
C ASP A 207 -10.24 -15.65 13.01
N ASN A 208 -9.54 -16.74 13.26
CA ASN A 208 -8.23 -16.66 13.88
C ASN A 208 -7.17 -16.08 12.95
N ARG A 209 -7.18 -16.48 11.68
CA ARG A 209 -6.25 -15.93 10.70
C ARG A 209 -6.52 -14.46 10.45
N SER A 210 -7.78 -14.05 10.49
N SER A 210 -7.78 -14.05 10.56
CA SER A 210 -8.15 -12.65 10.34
CA SER A 210 -8.15 -12.65 10.34
C SER A 210 -7.75 -11.79 11.53
C SER A 210 -7.92 -11.78 11.57
N ARG A 211 -7.59 -12.42 12.69
CA ARG A 211 -7.52 -11.70 13.97
C ARG A 211 -6.42 -10.65 14.02
N PHE A 212 -5.20 -10.98 13.59
CA PHE A 212 -4.11 -10.01 13.65
C PHE A 212 -4.49 -8.75 12.85
N LEU A 213 -5.07 -8.95 11.68
CA LEU A 213 -5.39 -7.86 10.78
C LEU A 213 -6.51 -6.98 11.36
N LEU A 214 -7.55 -7.63 11.87
CA LEU A 214 -8.69 -6.91 12.44
C LEU A 214 -8.31 -6.21 13.74
N GLU A 215 -7.52 -6.85 14.59
CA GLU A 215 -7.08 -6.21 15.82
C GLU A 215 -6.16 -5.03 15.52
N THR A 216 -5.30 -5.15 14.51
CA THR A 216 -4.42 -4.05 14.16
C THR A 216 -5.22 -2.88 13.62
N LEU A 217 -6.18 -3.17 12.73
CA LEU A 217 -7.06 -2.12 12.25
C LEU A 217 -7.77 -1.38 13.41
N ALA A 218 -8.34 -2.14 14.33
CA ALA A 218 -9.09 -1.54 15.43
C ALA A 218 -8.18 -0.71 16.32
N ALA A 219 -6.95 -1.18 16.55
CA ALA A 219 -6.02 -0.47 17.40
C ALA A 219 -5.60 0.86 16.75
N VAL A 220 -5.32 0.81 15.45
CA VAL A 220 -4.98 2.00 14.68
C VAL A 220 -6.13 2.98 14.67
N ARG A 221 -7.36 2.47 14.54
CA ARG A 221 -8.53 3.32 14.48
C ARG A 221 -8.66 4.19 15.72
N GLU A 222 -8.17 3.72 16.88
CA GLU A 222 -8.22 4.49 18.12
C GLU A 222 -7.40 5.78 18.08
N VAL A 223 -6.33 5.82 17.30
CA VAL A 223 -5.47 7.00 17.25
C VAL A 223 -5.59 7.77 15.94
N TRP A 224 -6.14 7.16 14.90
CA TRP A 224 -6.22 7.79 13.59
C TRP A 224 -7.51 8.58 13.49
N PRO A 225 -7.48 9.87 13.10
CA PRO A 225 -8.67 10.69 13.13
C PRO A 225 -9.82 10.14 12.28
N GLU A 226 -11.02 10.18 12.85
N GLU A 226 -11.03 10.22 12.81
CA GLU A 226 -12.23 9.77 12.15
CA GLU A 226 -12.18 9.68 12.11
C GLU A 226 -12.33 10.42 10.78
C GLU A 226 -12.48 10.46 10.82
N ASN A 227 -11.98 11.69 10.72
CA ASN A 227 -12.22 12.51 9.54
C ASN A 227 -11.18 12.38 8.43
N LEU A 228 -10.20 11.49 8.60
CA LEU A 228 -9.19 11.23 7.58
C LEU A 228 -9.31 9.78 7.10
N PRO A 229 -9.21 9.54 5.78
CA PRO A 229 -9.33 8.16 5.29
C PRO A 229 -8.37 7.19 5.94
N LEU A 230 -8.95 6.05 6.32
CA LEU A 230 -8.28 4.91 6.91
C LEU A 230 -8.41 3.78 5.89
N THR A 231 -7.29 3.38 5.31
CA THR A 231 -7.31 2.44 4.21
C THR A 231 -6.34 1.30 4.48
N ALA A 232 -6.39 0.29 3.62
CA ALA A 232 -5.48 -0.83 3.70
C ALA A 232 -5.25 -1.37 2.29
N ARG A 233 -4.10 -2.00 2.11
CA ARG A 233 -3.79 -2.77 0.92
C ARG A 233 -3.85 -4.23 1.32
N PHE A 234 -4.49 -5.06 0.49
CA PHE A 234 -4.70 -6.47 0.85
C PHE A 234 -4.68 -7.31 -0.42
N GLY A 235 -3.94 -8.43 -0.39
CA GLY A 235 -3.91 -9.36 -1.50
C GLY A 235 -5.10 -10.30 -1.41
N VAL A 236 -6.00 -10.24 -2.39
CA VAL A 236 -7.29 -10.93 -2.28
C VAL A 236 -7.28 -12.31 -2.94
N LEU A 237 -6.25 -12.61 -3.71
CA LEU A 237 -6.04 -13.95 -4.26
C LEU A 237 -4.55 -14.11 -4.52
N GLU A 238 -4.12 -15.35 -4.72
CA GLU A 238 -2.71 -15.68 -4.92
C GLU A 238 -2.38 -16.19 -6.32
N TYR A 239 -3.38 -16.61 -7.10
CA TYR A 239 -3.14 -17.36 -8.34
C TYR A 239 -2.35 -18.66 -8.07
N ASP A 240 -2.80 -19.38 -7.05
CA ASP A 240 -2.17 -20.59 -6.52
C ASP A 240 -3.07 -21.81 -6.68
N GLY A 241 -4.05 -21.74 -7.56
CA GLY A 241 -4.99 -22.85 -7.74
C GLY A 241 -6.08 -22.94 -6.67
N ARG A 242 -6.13 -21.98 -5.76
N ARG A 242 -6.15 -21.95 -5.78
CA ARG A 242 -7.17 -21.91 -4.73
CA ARG A 242 -7.13 -21.90 -4.70
C ARG A 242 -7.91 -20.58 -4.79
C ARG A 242 -7.97 -20.62 -4.80
N ASP A 243 -8.09 -20.05 -6.00
CA ASP A 243 -8.59 -18.69 -6.15
C ASP A 243 -10.03 -18.44 -5.71
N GLU A 244 -10.93 -19.36 -6.08
N GLU A 244 -10.96 -19.31 -6.09
CA GLU A 244 -12.34 -19.19 -5.73
CA GLU A 244 -12.34 -19.02 -5.70
C GLU A 244 -12.54 -19.12 -4.21
C GLU A 244 -12.50 -19.06 -4.17
N GLN A 245 -11.94 -20.07 -3.49
CA GLN A 245 -12.07 -20.14 -2.04
C GLN A 245 -11.36 -18.94 -1.39
N THR A 246 -10.19 -18.57 -1.92
CA THR A 246 -9.42 -17.49 -1.34
C THR A 246 -10.13 -16.16 -1.54
N LEU A 247 -10.67 -15.94 -2.74
CA LEU A 247 -11.37 -14.70 -2.98
CA LEU A 247 -11.43 -14.72 -3.01
C LEU A 247 -12.64 -14.60 -2.11
N GLU A 248 -13.35 -15.70 -1.90
N GLU A 248 -13.36 -15.70 -1.90
CA GLU A 248 -14.50 -15.69 -1.01
CA GLU A 248 -14.52 -15.66 -1.00
C GLU A 248 -14.11 -15.22 0.39
C GLU A 248 -14.13 -15.24 0.42
N GLU A 249 -13.05 -15.81 0.94
CA GLU A 249 -12.56 -15.44 2.27
C GLU A 249 -12.09 -13.98 2.30
N SER A 250 -11.38 -13.56 1.27
N SER A 250 -11.38 -13.54 1.28
CA SER A 250 -10.86 -12.20 1.23
CA SER A 250 -10.85 -12.19 1.29
C SER A 250 -11.98 -11.18 1.20
C SER A 250 -11.95 -11.14 1.15
N ILE A 251 -13.03 -11.48 0.45
CA ILE A 251 -14.19 -10.61 0.39
C ILE A 251 -14.91 -10.54 1.74
N GLU A 252 -15.00 -11.67 2.42
CA GLU A 252 -15.54 -11.67 3.78
C GLU A 252 -14.69 -10.80 4.69
N LEU A 253 -13.36 -10.92 4.60
CA LEU A 253 -12.52 -10.06 5.42
C LEU A 253 -12.72 -8.58 5.07
N ALA A 254 -12.86 -8.28 3.78
CA ALA A 254 -13.13 -6.91 3.37
C ALA A 254 -14.42 -6.36 3.97
N ARG A 255 -15.45 -7.19 4.09
CA ARG A 255 -16.67 -6.77 4.76
C ARG A 255 -16.40 -6.45 6.23
N ARG A 256 -15.57 -7.25 6.89
N ARG A 256 -15.58 -7.27 6.90
CA ARG A 256 -15.21 -7.00 8.29
CA ARG A 256 -15.20 -6.99 8.28
C ARG A 256 -14.34 -5.75 8.43
C ARG A 256 -14.43 -5.67 8.36
N PHE A 257 -13.48 -5.48 7.44
CA PHE A 257 -12.73 -4.23 7.44
C PHE A 257 -13.66 -3.02 7.34
N LYS A 258 -14.63 -3.10 6.41
CA LYS A 258 -15.57 -2.01 6.26
C LYS A 258 -16.31 -1.76 7.57
N ALA A 259 -16.80 -2.83 8.20
CA ALA A 259 -17.54 -2.72 9.45
C ALA A 259 -16.66 -2.13 10.57
N GLY A 260 -15.35 -2.32 10.46
CA GLY A 260 -14.37 -1.81 11.41
C GLY A 260 -13.83 -0.45 11.04
N GLY A 261 -14.46 0.26 10.11
CA GLY A 261 -14.10 1.64 9.82
C GLY A 261 -13.17 1.86 8.63
N LEU A 262 -12.87 0.84 7.84
CA LEU A 262 -12.03 1.03 6.68
C LEU A 262 -12.81 1.82 5.61
N ASP A 263 -12.20 2.86 5.07
CA ASP A 263 -12.86 3.73 4.10
C ASP A 263 -12.65 3.32 2.64
N LEU A 264 -11.55 2.65 2.35
CA LEU A 264 -11.20 2.27 0.99
C LEU A 264 -10.20 1.14 1.08
N LEU A 265 -10.30 0.19 0.15
CA LEU A 265 -9.40 -0.93 0.05
C LEU A 265 -8.59 -0.87 -1.23
N SER A 266 -7.26 -0.96 -1.11
CA SER A 266 -6.39 -1.13 -2.24
C SER A 266 -6.22 -2.63 -2.51
N VAL A 267 -6.79 -3.07 -3.64
CA VAL A 267 -6.95 -4.49 -3.94
C VAL A 267 -5.71 -4.96 -4.71
N SER A 268 -5.04 -5.99 -4.21
CA SER A 268 -3.84 -6.50 -4.83
C SER A 268 -3.83 -8.03 -4.85
N VAL A 269 -2.65 -8.58 -5.13
CA VAL A 269 -2.37 -10.00 -5.12
C VAL A 269 -1.55 -10.30 -3.87
N GLY A 270 -1.67 -11.53 -3.39
CA GLY A 270 -1.00 -11.89 -2.15
C GLY A 270 0.52 -11.94 -2.19
N PHE A 271 1.08 -12.50 -3.25
N PHE A 271 1.10 -12.48 -3.26
CA PHE A 271 2.52 -12.78 -3.30
CA PHE A 271 2.53 -12.76 -3.31
C PHE A 271 3.02 -13.49 -2.06
C PHE A 271 3.02 -13.49 -2.06
N THR A 272 2.22 -14.39 -1.51
CA THR A 272 2.57 -15.01 -0.23
C THR A 272 3.61 -16.10 -0.40
N ILE A 273 3.53 -16.80 -1.52
CA ILE A 273 4.41 -17.91 -1.86
C ILE A 273 4.89 -17.76 -3.29
N PRO A 274 6.00 -18.42 -3.65
CA PRO A 274 6.52 -18.26 -5.01
C PRO A 274 5.86 -19.10 -6.09
N ASP A 275 5.22 -20.21 -5.72
N ASP A 275 5.26 -20.22 -5.71
CA ASP A 275 4.72 -21.15 -6.74
CA ASP A 275 4.71 -21.13 -6.71
C ASP A 275 3.31 -20.77 -7.19
C ASP A 275 3.31 -20.69 -7.09
N THR A 276 3.22 -19.74 -8.01
CA THR A 276 1.94 -19.20 -8.48
C THR A 276 2.01 -18.94 -9.99
N ASN A 277 0.88 -18.57 -10.58
CA ASN A 277 0.80 -18.29 -12.00
CA ASN A 277 0.79 -18.30 -12.00
C ASN A 277 -0.06 -17.06 -12.22
N ILE A 278 0.53 -15.91 -11.98
CA ILE A 278 -0.17 -14.65 -12.03
C ILE A 278 -0.30 -14.22 -13.49
N PRO A 279 -1.53 -13.93 -13.95
CA PRO A 279 -1.75 -13.60 -15.36
C PRO A 279 -1.52 -12.10 -15.64
N TRP A 280 -0.28 -11.66 -15.53
CA TRP A 280 0.07 -10.27 -15.75
C TRP A 280 -0.47 -9.75 -17.07
N GLY A 281 -1.00 -8.54 -17.05
CA GLY A 281 -1.47 -7.88 -18.26
C GLY A 281 -1.99 -6.52 -17.89
N PRO A 282 -2.23 -5.66 -18.88
CA PRO A 282 -2.65 -4.30 -18.57
C PRO A 282 -3.98 -4.31 -17.83
N ALA A 283 -4.06 -3.67 -16.67
CA ALA A 283 -5.31 -3.61 -15.91
C ALA A 283 -5.88 -4.99 -15.57
N PHE A 284 -5.04 -6.00 -15.42
CA PHE A 284 -5.56 -7.33 -15.17
C PHE A 284 -6.34 -7.45 -13.88
N MET A 285 -6.08 -6.58 -12.91
CA MET A 285 -6.80 -6.60 -11.64
CA MET A 285 -6.81 -6.62 -11.66
C MET A 285 -8.19 -5.98 -11.70
N GLY A 286 -8.52 -5.31 -12.80
CA GLY A 286 -9.79 -4.60 -12.87
C GLY A 286 -11.02 -5.42 -12.47
N PRO A 287 -11.18 -6.61 -13.07
CA PRO A 287 -12.37 -7.41 -12.73
C PRO A 287 -12.41 -7.89 -11.27
N ILE A 288 -11.24 -8.20 -10.73
N ILE A 288 -11.27 -8.21 -10.68
CA ILE A 288 -11.07 -8.59 -9.34
CA ILE A 288 -11.28 -8.65 -9.29
C ILE A 288 -11.51 -7.47 -8.43
C ILE A 288 -11.52 -7.47 -8.35
N ALA A 289 -10.94 -6.30 -8.66
CA ALA A 289 -11.26 -5.12 -7.85
C ALA A 289 -12.75 -4.80 -7.91
N GLU A 290 -13.34 -4.94 -9.09
N GLU A 290 -13.36 -4.93 -9.08
CA GLU A 290 -14.77 -4.67 -9.27
CA GLU A 290 -14.78 -4.64 -9.19
C GLU A 290 -15.63 -5.62 -8.42
C GLU A 290 -15.60 -5.61 -8.35
N ARG A 291 -15.23 -6.89 -8.37
CA ARG A 291 -15.95 -7.88 -7.60
C ARG A 291 -15.87 -7.56 -6.08
N VAL A 292 -14.69 -7.18 -5.61
CA VAL A 292 -14.54 -6.81 -4.22
C VAL A 292 -15.39 -5.58 -3.90
N ARG A 293 -15.30 -4.58 -4.78
CA ARG A 293 -16.06 -3.35 -4.61
C ARG A 293 -17.56 -3.65 -4.47
N ARG A 294 -18.06 -4.50 -5.35
CA ARG A 294 -19.47 -4.83 -5.38
C ARG A 294 -19.92 -5.70 -4.21
N GLU A 295 -19.13 -6.74 -3.90
CA GLU A 295 -19.54 -7.74 -2.92
C GLU A 295 -19.25 -7.34 -1.48
N ALA A 296 -18.31 -6.41 -1.29
CA ALA A 296 -18.05 -5.85 0.04
C ALA A 296 -18.61 -4.45 0.19
N LYS A 297 -19.08 -3.85 -0.90
CA LYS A 297 -19.69 -2.53 -0.90
C LYS A 297 -18.75 -1.49 -0.29
N LEU A 298 -17.54 -1.45 -0.83
CA LEU A 298 -16.47 -0.65 -0.33
C LEU A 298 -15.74 0.00 -1.49
N PRO A 299 -15.36 1.29 -1.39
CA PRO A 299 -14.53 1.86 -2.44
C PRO A 299 -13.22 1.14 -2.56
N VAL A 300 -12.69 1.12 -3.79
CA VAL A 300 -11.45 0.44 -4.05
C VAL A 300 -10.54 1.22 -4.98
N THR A 301 -9.25 0.89 -4.88
CA THR A 301 -8.29 1.19 -5.93
C THR A 301 -7.55 -0.09 -6.29
N SER A 302 -6.84 -0.06 -7.42
CA SER A 302 -5.95 -1.15 -7.77
C SER A 302 -4.89 -0.56 -8.71
N ALA A 303 -3.93 -1.39 -9.09
CA ALA A 303 -2.82 -0.97 -9.94
C ALA A 303 -2.43 -2.19 -10.75
N TRP A 304 -1.47 -1.83 -11.67
CA TRP A 304 -0.73 -2.68 -12.60
C TRP A 304 -1.20 -2.45 -14.02
N GLY A 305 -0.44 -1.62 -14.70
CA GLY A 305 -0.71 -1.38 -16.08
C GLY A 305 -1.79 -0.37 -16.36
N PHE A 306 -2.21 0.45 -15.39
CA PHE A 306 -3.16 1.53 -15.63
C PHE A 306 -2.57 2.82 -16.15
N GLY A 307 -1.25 2.92 -16.40
CA GLY A 307 -0.58 4.08 -16.95
C GLY A 307 -0.82 4.42 -18.42
N THR A 308 -1.81 3.74 -18.98
CA THR A 308 -2.37 4.12 -20.28
C THR A 308 -3.65 4.87 -19.99
N PRO A 309 -3.63 6.21 -20.37
CA PRO A 309 -4.74 7.04 -19.88
C PRO A 309 -6.17 6.52 -20.18
N GLN A 310 -6.33 6.00 -21.41
CA GLN A 310 -7.64 5.49 -21.82
C GLN A 310 -8.10 4.29 -20.99
N LEU A 311 -7.15 3.52 -20.55
CA LEU A 311 -7.42 2.36 -19.72
C LEU A 311 -7.83 2.77 -18.30
N ALA A 312 -7.15 3.76 -17.72
CA ALA A 312 -7.53 4.35 -16.45
C ALA A 312 -8.96 4.89 -16.53
N GLU A 313 -9.24 5.64 -17.59
CA GLU A 313 -10.55 6.22 -17.80
C GLU A 313 -11.62 5.11 -17.90
N ALA A 314 -11.36 4.06 -18.68
CA ALA A 314 -12.31 2.95 -18.85
C ALA A 314 -12.62 2.26 -17.51
N ALA A 315 -11.60 2.05 -16.69
CA ALA A 315 -11.82 1.37 -15.40
C ALA A 315 -12.75 2.19 -14.51
N LEU A 316 -12.56 3.51 -14.50
CA LEU A 316 -13.42 4.38 -13.69
C LEU A 316 -14.84 4.41 -14.23
N GLN A 317 -14.98 4.55 -15.54
CA GLN A 317 -16.34 4.64 -16.12
C GLN A 317 -17.11 3.34 -15.94
N ALA A 318 -16.40 2.21 -15.88
CA ALA A 318 -17.02 0.89 -15.62
C ALA A 318 -17.28 0.64 -14.14
N ASN A 319 -16.90 1.58 -13.28
CA ASN A 319 -17.07 1.40 -11.84
C ASN A 319 -16.35 0.16 -11.35
N GLN A 320 -15.19 -0.12 -11.93
CA GLN A 320 -14.31 -1.15 -11.40
C GLN A 320 -13.53 -0.63 -10.21
N LEU A 321 -13.22 0.67 -10.23
CA LEU A 321 -12.35 1.35 -9.28
C LEU A 321 -12.95 2.71 -8.96
N ASP A 322 -12.59 3.26 -7.81
CA ASP A 322 -12.88 4.65 -7.45
C ASP A 322 -11.69 5.58 -7.67
N LEU A 323 -10.49 5.05 -7.51
CA LEU A 323 -9.24 5.75 -7.81
C LEU A 323 -8.39 4.81 -8.63
N VAL A 324 -7.61 5.36 -9.56
CA VAL A 324 -6.70 4.57 -10.35
C VAL A 324 -5.28 4.81 -9.85
N SER A 325 -4.60 3.74 -9.43
CA SER A 325 -3.22 3.87 -8.99
C SER A 325 -2.28 3.65 -10.17
N VAL A 326 -1.36 4.60 -10.35
CA VAL A 326 -0.42 4.61 -11.47
C VAL A 326 0.99 4.77 -10.90
N GLY A 327 1.76 3.69 -10.96
CA GLY A 327 3.07 3.63 -10.32
C GLY A 327 4.24 3.88 -11.25
N ARG A 328 4.65 2.87 -12.00
CA ARG A 328 5.85 2.98 -12.83
C ARG A 328 5.79 4.12 -13.83
N ALA A 329 4.62 4.42 -14.38
CA ALA A 329 4.54 5.53 -15.33
C ALA A 329 4.96 6.85 -14.69
N HIS A 330 4.77 6.99 -13.37
CA HIS A 330 5.22 8.18 -12.64
C HIS A 330 6.71 8.19 -12.33
N LEU A 331 7.36 7.02 -12.28
CA LEU A 331 8.82 6.98 -12.22
C LEU A 331 9.40 7.41 -13.56
N ALA A 332 8.77 6.99 -14.64
CA ALA A 332 9.19 7.39 -15.99
C ALA A 332 8.96 8.88 -16.23
N ASP A 333 7.82 9.39 -15.81
CA ASP A 333 7.42 10.78 -16.04
C ASP A 333 6.68 11.26 -14.81
N PRO A 334 7.33 12.07 -13.96
CA PRO A 334 6.58 12.46 -12.76
CA PRO A 334 6.68 12.59 -12.76
C PRO A 334 5.41 13.40 -13.05
N HIS A 335 5.30 13.89 -14.29
CA HIS A 335 4.17 14.69 -14.74
C HIS A 335 3.17 13.84 -15.56
N TRP A 336 3.07 12.55 -15.26
CA TRP A 336 2.16 11.68 -15.99
C TRP A 336 0.73 12.22 -15.96
N ALA A 337 0.30 12.82 -14.85
CA ALA A 337 -1.08 13.30 -14.77
C ALA A 337 -1.35 14.35 -15.87
N TYR A 338 -0.34 15.18 -16.16
CA TYR A 338 -0.44 16.13 -17.26
C TYR A 338 -0.50 15.44 -18.62
N PHE A 339 0.34 14.44 -18.82
CA PHE A 339 0.27 13.62 -20.02
C PHE A 339 -1.12 13.01 -20.20
N ALA A 340 -1.68 12.46 -19.12
CA ALA A 340 -3.00 11.86 -19.18
C ALA A 340 -4.10 12.89 -19.51
N ALA A 341 -4.00 14.08 -18.93
CA ALA A 341 -4.96 15.13 -19.21
C ALA A 341 -4.93 15.51 -20.69
N LYS A 342 -3.74 15.64 -21.27
CA LYS A 342 -3.64 15.93 -22.69
C LYS A 342 -4.22 14.80 -23.52
N GLU A 343 -3.87 13.57 -23.17
N GLU A 343 -3.90 13.57 -23.15
CA GLU A 343 -4.30 12.42 -23.95
CA GLU A 343 -4.27 12.41 -23.93
C GLU A 343 -5.82 12.37 -23.99
C GLU A 343 -5.79 12.17 -23.91
N LEU A 344 -6.44 12.61 -22.84
CA LEU A 344 -7.89 12.50 -22.71
C LEU A 344 -8.63 13.75 -23.16
N GLY A 345 -7.90 14.78 -23.56
CA GLY A 345 -8.54 15.98 -24.12
C GLY A 345 -9.18 16.89 -23.10
N VAL A 346 -8.71 16.84 -21.87
CA VAL A 346 -9.19 17.72 -20.81
C VAL A 346 -8.93 19.19 -21.14
N GLU A 347 -9.90 20.05 -20.88
CA GLU A 347 -9.74 21.48 -21.11
CA GLU A 347 -9.70 21.47 -21.15
C GLU A 347 -8.65 22.04 -20.21
N LYS A 348 -7.83 22.92 -20.77
N LYS A 348 -7.81 22.91 -20.74
CA LYS A 348 -6.70 23.54 -20.05
CA LYS A 348 -6.73 23.53 -19.99
C LYS A 348 -5.88 22.46 -19.33
C LYS A 348 -5.85 22.47 -19.33
N ALA A 349 -5.49 21.46 -20.10
CA ALA A 349 -4.74 20.32 -19.59
C ALA A 349 -3.45 20.74 -18.92
N SER A 350 -2.80 21.80 -19.43
CA SER A 350 -1.51 22.18 -18.85
C SER A 350 -1.65 22.66 -17.42
N TRP A 351 -2.84 23.10 -17.04
CA TRP A 351 -3.08 23.60 -15.69
C TRP A 351 -3.33 22.46 -14.68
N THR A 352 -3.11 21.21 -15.12
CA THR A 352 -2.83 20.13 -14.20
CA THR A 352 -2.82 20.11 -14.23
C THR A 352 -1.53 20.41 -13.42
N LEU A 353 -0.62 21.15 -14.03
CA LEU A 353 0.66 21.52 -13.43
C LEU A 353 0.57 22.93 -12.83
N PRO A 354 1.52 23.28 -11.94
CA PRO A 354 1.55 24.64 -11.39
C PRO A 354 1.88 25.67 -12.47
N ALA A 355 1.54 26.93 -12.18
CA ALA A 355 1.69 28.04 -13.11
C ALA A 355 3.07 28.16 -13.81
N PRO A 356 4.18 28.01 -13.08
CA PRO A 356 5.49 28.18 -13.74
C PRO A 356 5.75 27.16 -14.85
N TYR A 357 4.96 26.09 -14.90
CA TYR A 357 4.98 25.14 -16.01
C TYR A 357 3.77 25.36 -16.93
N ALA A 358 2.58 25.44 -16.34
CA ALA A 358 1.33 25.47 -17.10
C ALA A 358 1.25 26.60 -18.08
N HIS A 359 1.72 27.78 -17.70
CA HIS A 359 1.60 28.94 -18.56
C HIS A 359 2.25 28.72 -19.93
N TRP A 360 3.37 28.02 -19.93
CA TRP A 360 4.19 27.83 -21.12
C TRP A 360 3.79 26.66 -21.97
N LEU A 361 2.99 25.77 -21.39
CA LEU A 361 2.63 24.54 -22.04
C LEU A 361 1.22 24.63 -22.61
N GLU A 362 0.49 25.70 -22.31
CA GLU A 362 -0.83 25.88 -22.89
C GLU A 362 -0.66 25.81 -24.38
N ARG A 363 -1.38 24.92 -25.06
CA ARG A 363 -1.21 24.74 -26.51
C ARG A 363 -2.40 25.31 -27.27
C9A FNR B . 6.19 -1.00 -5.77
N10 FNR B . 4.98 -1.50 -5.23
CAA FNR B . 4.75 -1.33 -3.83
N1 FNR B . 3.55 -1.74 -3.38
C2 FNR B . 3.27 -1.53 -2.03
O2 FNR B . 2.17 -1.86 -1.58
N3 FNR B . 4.24 -0.82 -1.25
C4 FNR B . 5.43 -0.39 -1.71
O4 FNR B . 6.17 0.33 -0.99
C4A FNR B . 5.75 -0.83 -3.02
N5 FNR B . 7.04 -0.55 -3.51
C5A FNR B . 7.19 -0.56 -4.93
C6 FNR B . 8.37 -0.01 -5.45
C7 FNR B . 8.51 0.17 -6.85
C7M FNR B . 9.68 0.92 -7.40
C8 FNR B . 7.49 -0.36 -7.71
C8M FNR B . 7.61 -0.23 -9.18
C9 FNR B . 6.37 -0.97 -7.17
C1' FNR B . 3.82 -1.84 -6.11
C2' FNR B . 3.20 -0.59 -6.74
O2' FNR B . 2.52 0.15 -5.68
C3' FNR B . 2.19 -0.89 -7.87
O3' FNR B . 1.17 -1.74 -7.30
C4' FNR B . 2.84 -1.64 -9.04
O4' FNR B . 4.05 -0.93 -9.44
C5' FNR B . 1.88 -1.77 -10.23
O5' FNR B . 1.49 -0.52 -10.74
P FNR B . 2.12 0.09 -12.09
O1P FNR B . 3.60 0.31 -11.82
O2P FNR B . 1.94 -0.97 -13.20
O3P FNR B . 1.36 1.37 -12.34
H3 FNR B . 3.99 -0.61 -0.27
H5 FNR B . 7.71 -0.01 -2.91
H7 FNR B . 9.18 0.26 -4.78
H7M1 FNR B . 9.38 1.91 -7.63
H7M2 FNR B . 10.03 0.43 -8.26
H7M3 FNR B . 10.45 0.93 -6.67
H8M1 FNR B . 8.55 -0.58 -9.49
H8M2 FNR B . 6.85 -0.80 -9.64
H8M3 FNR B . 7.51 0.79 -9.45
H9 FNR B . 5.64 -1.42 -7.83
H1'1 FNR B . 3.06 -2.36 -5.52
H1'2 FNR B . 4.15 -2.52 -6.89
H6 FNR B . 4.01 0.03 -7.16
H2' FNR B . 3.13 0.26 -4.94
H4 FNR B . 1.75 0.04 -8.23
H3' FNR B . 0.80 -1.32 -6.51
H2 FNR B . 3.11 -2.65 -8.70
H4' FNR B . 4.60 -0.79 -8.66
H5'1 FNR B . 0.99 -2.32 -9.90
H5'2 FNR B . 2.35 -2.36 -11.01
C5 8CM C . 8.66 -3.74 -5.12
C6 8CM C . 8.27 -4.15 -6.37
C7 8CM C . 7.03 -4.65 -6.62
C8 8CM C . 6.13 -4.69 -5.60
C1A 8CM C . 6.54 -4.28 -4.31
C4A 8CM C . 7.79 -3.80 -4.02
C4 8CM C . 8.09 -3.40 -2.70
C3 8CM C . 7.09 -3.49 -1.71
C2 8CM C . 5.80 -3.96 -2.03
O1 8CM C . 5.63 -4.38 -3.31
O2 8CM C . 4.86 -4.05 -1.35
O8 8CM C . 4.81 -5.13 -5.72
H5 8CM C . 9.69 -3.40 -4.96
H6 8CM C . 9.00 -4.14 -7.18
H7 8CM C . 6.74 -4.96 -7.62
H4 8CM C . 9.08 -3.02 -2.45
H3 8CM C . 7.31 -3.18 -0.69
HO8 8CM C . 4.77 -6.08 -5.57
S SO4 D . 23.73 -0.25 3.05
O1 SO4 D . 23.14 1.03 2.69
O2 SO4 D . 23.61 -0.50 4.49
O3 SO4 D . 23.09 -1.32 2.29
O4 SO4 D . 25.15 -0.23 2.70
S SO4 E . -13.93 -13.72 16.63
O1 SO4 E . -13.37 -12.66 17.46
O2 SO4 E . -13.41 -15.01 17.09
O3 SO4 E . -15.39 -13.72 16.75
O4 SO4 E . -13.54 -13.49 15.24
#